data_2YYB
#
_entry.id   2YYB
#
_cell.length_a   148.186
_cell.length_b   148.186
_cell.length_c   196.395
_cell.angle_alpha   90.00
_cell.angle_beta   90.00
_cell.angle_gamma   120.00
#
_symmetry.space_group_name_H-M   'H 3 2'
#
loop_
_entity.id
_entity.type
_entity.pdbx_description
1 polymer 'Hypothetical protein TTHA1606'
2 water water
#
_entity_poly.entity_id   1
_entity_poly.type   'polypeptide(L)'
_entity_poly.pdbx_seq_one_letter_code
;MDRDELVRYLDAYLRIQDFPQDPSLNGLQVEGKRTVRKVGAAVDAGEAIFRKALEEEVDFLIVHHGLFWGKPFPIVGHHK
RRLETLFQGGINLYAAHLPLDAHEEVGNNFVLARELGLVDLTPWDVGVKGRFPQPTPLLQVADRLGQLTGMQPLVHQGGL
DHVETVILVSGSGTGLLPKVDADLFVTGEPKHSVFHETFERGLNVIYAGHYDTETFGVKALAAHLEARFGLPWVFLDHPT
GL
;
_entity_poly.pdbx_strand_id   A,B
#
# COMPACT_ATOMS: atom_id res chain seq x y z
N MET A 1 -4.52 -16.66 -35.76
CA MET A 1 -3.09 -16.28 -35.80
C MET A 1 -2.24 -17.29 -35.04
N ASP A 2 -1.01 -17.48 -35.51
CA ASP A 2 -0.11 -18.42 -34.87
C ASP A 2 0.34 -17.79 -33.54
N ARG A 3 0.14 -18.51 -32.43
CA ARG A 3 0.50 -18.01 -31.12
C ARG A 3 1.96 -17.66 -30.97
N ASP A 4 2.82 -18.44 -31.58
CA ASP A 4 4.24 -18.19 -31.47
C ASP A 4 4.67 -16.88 -32.15
N GLU A 5 3.95 -16.46 -33.19
CA GLU A 5 4.30 -15.20 -33.86
C GLU A 5 3.77 -14.05 -33.01
N LEU A 6 2.58 -14.25 -32.45
CA LEU A 6 1.98 -13.25 -31.59
C LEU A 6 2.92 -13.01 -30.41
N VAL A 7 3.44 -14.08 -29.82
CA VAL A 7 4.34 -13.91 -28.68
C VAL A 7 5.63 -13.20 -29.12
N ARG A 8 6.16 -13.56 -30.27
CA ARG A 8 7.38 -12.95 -30.80
C ARG A 8 7.15 -11.45 -31.03
N TYR A 9 6.05 -11.13 -31.71
CA TYR A 9 5.73 -9.75 -31.98
C TYR A 9 5.64 -8.95 -30.67
N LEU A 10 4.80 -9.42 -29.76
CA LEU A 10 4.64 -8.74 -28.46
C LEU A 10 5.94 -8.52 -27.72
N ASP A 11 6.78 -9.54 -27.65
CA ASP A 11 8.05 -9.38 -26.96
C ASP A 11 8.84 -8.27 -27.65
N ALA A 12 8.69 -8.19 -28.97
CA ALA A 12 9.39 -7.19 -29.76
C ALA A 12 8.82 -5.80 -29.54
N TYR A 13 7.52 -5.67 -29.77
CA TYR A 13 6.80 -4.42 -29.64
C TYR A 13 6.94 -3.78 -28.28
N LEU A 14 6.91 -4.60 -27.22
CA LEU A 14 7.03 -4.10 -25.86
C LEU A 14 8.50 -4.11 -25.45
N ARG A 15 9.32 -4.71 -26.30
CA ARG A 15 10.76 -4.85 -26.06
C ARG A 15 11.02 -5.12 -24.58
N ILE A 16 10.54 -6.27 -24.14
CA ILE A 16 10.68 -6.69 -22.77
C ILE A 16 12.11 -6.98 -22.34
N GLN A 17 13.05 -6.92 -23.28
CA GLN A 17 14.45 -7.18 -22.94
C GLN A 17 15.07 -5.95 -22.28
N ASP A 18 14.38 -4.82 -22.41
CA ASP A 18 14.83 -3.56 -21.84
C ASP A 18 14.53 -3.41 -20.35
N PHE A 19 13.74 -4.34 -19.79
CA PHE A 19 13.38 -4.25 -18.37
C PHE A 19 13.74 -5.54 -17.63
N PRO A 20 15.05 -5.91 -17.66
CA PRO A 20 15.62 -7.10 -17.02
C PRO A 20 15.55 -7.16 -15.50
N GLN A 21 15.17 -6.05 -14.88
CA GLN A 21 15.08 -5.98 -13.41
C GLN A 21 13.62 -6.00 -12.91
N ASP A 22 12.72 -6.53 -13.73
CA ASP A 22 11.32 -6.62 -13.37
C ASP A 22 11.15 -7.99 -12.72
N PRO A 23 10.71 -8.04 -11.44
CA PRO A 23 10.54 -9.35 -10.78
C PRO A 23 9.59 -10.26 -11.53
N SER A 24 8.51 -9.70 -12.07
CA SER A 24 7.52 -10.49 -12.80
C SER A 24 8.12 -11.07 -14.08
N LEU A 25 7.70 -12.28 -14.42
CA LEU A 25 8.19 -12.95 -15.62
C LEU A 25 7.41 -12.41 -16.81
N ASN A 26 7.98 -11.44 -17.52
CA ASN A 26 7.29 -10.85 -18.67
C ASN A 26 7.32 -11.77 -19.89
N GLY A 27 6.19 -11.78 -20.63
CA GLY A 27 6.08 -12.62 -21.81
C GLY A 27 5.02 -13.69 -21.63
N LEU A 28 5.12 -14.78 -22.39
CA LEU A 28 4.16 -15.87 -22.28
C LEU A 28 4.40 -16.63 -20.98
N GLN A 29 3.46 -16.55 -20.05
CA GLN A 29 3.62 -17.24 -18.77
C GLN A 29 3.02 -18.63 -18.78
N VAL A 30 1.91 -18.82 -19.50
CA VAL A 30 1.29 -20.13 -19.59
C VAL A 30 0.87 -20.38 -21.02
N GLU A 31 1.31 -21.51 -21.56
CA GLU A 31 1.01 -21.87 -22.94
C GLU A 31 -0.40 -22.46 -23.09
N GLY A 32 -1.03 -22.16 -24.24
CA GLY A 32 -2.38 -22.63 -24.57
C GLY A 32 -2.44 -23.03 -26.04
N LYS A 33 -3.59 -22.87 -26.67
CA LYS A 33 -3.78 -23.22 -28.08
C LYS A 33 -2.75 -22.56 -29.00
N ARG A 34 -2.35 -23.28 -30.04
CA ARG A 34 -1.39 -22.72 -30.98
C ARG A 34 -2.09 -21.76 -31.98
N THR A 35 -3.40 -21.88 -32.14
CA THR A 35 -4.11 -21.00 -33.07
C THR A 35 -5.01 -20.00 -32.34
N VAL A 36 -4.58 -18.74 -32.35
CA VAL A 36 -5.32 -17.69 -31.66
C VAL A 36 -6.42 -17.10 -32.53
N ARG A 37 -7.61 -16.99 -31.96
CA ARG A 37 -8.75 -16.44 -32.68
C ARG A 37 -9.44 -15.30 -31.90
N LYS A 38 -9.06 -15.10 -30.64
CA LYS A 38 -9.71 -14.05 -29.85
C LYS A 38 -8.87 -13.65 -28.64
N VAL A 39 -8.55 -12.37 -28.56
CA VAL A 39 -7.74 -11.82 -27.50
C VAL A 39 -8.55 -11.35 -26.31
N GLY A 40 -8.01 -11.58 -25.12
CA GLY A 40 -8.65 -11.13 -23.89
C GLY A 40 -7.65 -10.19 -23.22
N ALA A 41 -8.16 -9.12 -22.61
CA ALA A 41 -7.34 -8.14 -21.89
C ALA A 41 -7.93 -7.94 -20.48
N ALA A 42 -7.05 -7.94 -19.47
CA ALA A 42 -7.44 -7.76 -18.07
C ALA A 42 -6.25 -7.23 -17.25
N VAL A 43 -6.59 -6.56 -16.16
CA VAL A 43 -5.56 -6.00 -15.28
C VAL A 43 -4.81 -7.06 -14.50
N ASP A 44 -5.55 -7.93 -13.80
CA ASP A 44 -4.94 -8.98 -12.97
C ASP A 44 -5.26 -10.44 -13.30
N ALA A 45 -4.25 -11.28 -13.11
CA ALA A 45 -4.41 -12.72 -13.28
C ALA A 45 -5.22 -13.17 -12.07
N GLY A 46 -6.04 -14.20 -12.22
CA GLY A 46 -6.82 -14.65 -11.09
C GLY A 46 -7.87 -15.62 -11.57
N GLU A 47 -8.34 -16.47 -10.68
CA GLU A 47 -9.37 -17.44 -11.04
C GLU A 47 -10.60 -16.77 -11.66
N ALA A 48 -11.09 -15.72 -11.04
CA ALA A 48 -12.29 -15.06 -11.58
C ALA A 48 -12.06 -14.61 -13.02
N ILE A 49 -11.03 -13.80 -13.24
CA ILE A 49 -10.70 -13.35 -14.59
C ILE A 49 -10.56 -14.52 -15.56
N PHE A 50 -9.92 -15.60 -15.10
CA PHE A 50 -9.72 -16.77 -15.94
C PHE A 50 -11.03 -17.47 -16.34
N ARG A 51 -11.98 -17.55 -15.41
CA ARG A 51 -13.27 -18.16 -15.68
C ARG A 51 -14.01 -17.32 -16.73
N LYS A 52 -13.90 -16.00 -16.63
CA LYS A 52 -14.52 -15.10 -17.59
C LYS A 52 -13.88 -15.27 -18.97
N ALA A 53 -12.57 -15.44 -19.00
CA ALA A 53 -11.89 -15.64 -20.28
C ALA A 53 -12.40 -16.93 -20.90
N LEU A 54 -12.65 -17.91 -20.05
CA LEU A 54 -13.16 -19.20 -20.49
C LEU A 54 -14.57 -19.05 -21.07
N GLU A 55 -15.39 -18.20 -20.43
CA GLU A 55 -16.76 -17.97 -20.86
C GLU A 55 -16.84 -17.19 -22.17
N GLU A 56 -15.91 -16.27 -22.35
CA GLU A 56 -15.84 -15.43 -23.53
C GLU A 56 -14.99 -16.08 -24.63
N GLU A 57 -14.64 -17.35 -24.43
CA GLU A 57 -13.80 -18.08 -25.38
C GLU A 57 -12.53 -17.32 -25.79
N VAL A 58 -11.81 -16.78 -24.80
CA VAL A 58 -10.58 -16.08 -25.08
C VAL A 58 -9.49 -17.11 -25.34
N ASP A 59 -8.62 -16.86 -26.32
CA ASP A 59 -7.53 -17.80 -26.61
C ASP A 59 -6.19 -17.25 -26.12
N PHE A 60 -6.08 -15.94 -26.10
CA PHE A 60 -4.85 -15.28 -25.72
C PHE A 60 -5.17 -14.17 -24.73
N LEU A 61 -4.97 -14.46 -23.45
CA LEU A 61 -5.25 -13.52 -22.35
C LEU A 61 -4.00 -12.71 -22.01
N ILE A 62 -4.15 -11.39 -22.06
CA ILE A 62 -3.06 -10.48 -21.75
C ILE A 62 -3.36 -9.78 -20.42
N VAL A 63 -2.43 -9.86 -19.48
CA VAL A 63 -2.64 -9.21 -18.18
C VAL A 63 -1.42 -8.37 -17.79
N HIS A 64 -1.65 -7.32 -16.99
CA HIS A 64 -0.56 -6.44 -16.54
C HIS A 64 0.13 -7.10 -15.35
N HIS A 65 -0.67 -7.76 -14.50
CA HIS A 65 -0.16 -8.44 -13.31
C HIS A 65 -0.32 -9.95 -13.47
N GLY A 66 0.77 -10.62 -13.84
CA GLY A 66 0.74 -12.05 -14.05
C GLY A 66 0.88 -12.97 -12.85
N LEU A 67 1.26 -14.21 -13.12
CA LEU A 67 1.40 -15.22 -12.07
C LEU A 67 2.74 -15.37 -11.41
N PHE A 68 3.80 -14.98 -12.11
CA PHE A 68 5.14 -15.14 -11.57
C PHE A 68 5.87 -13.88 -11.14
N TRP A 69 6.60 -13.97 -10.03
CA TRP A 69 7.35 -12.84 -9.50
C TRP A 69 8.69 -13.28 -8.90
N GLY A 70 9.34 -14.28 -9.50
CA GLY A 70 10.61 -14.75 -8.97
C GLY A 70 10.45 -15.75 -7.84
N LYS A 71 9.31 -15.68 -7.15
CA LYS A 71 8.99 -16.59 -6.05
C LYS A 71 8.38 -17.86 -6.61
N PRO A 72 9.09 -18.99 -6.51
CA PRO A 72 8.52 -20.25 -7.03
C PRO A 72 7.51 -20.76 -5.99
N PHE A 73 6.26 -20.99 -6.42
CA PHE A 73 5.22 -21.47 -5.51
C PHE A 73 4.73 -22.83 -5.94
N PRO A 74 4.35 -23.67 -4.98
CA PRO A 74 3.86 -25.01 -5.31
C PRO A 74 2.55 -24.92 -6.06
N ILE A 75 2.32 -25.81 -7.04
CA ILE A 75 1.08 -25.82 -7.79
C ILE A 75 0.04 -26.54 -6.90
N VAL A 76 -0.39 -25.82 -5.87
CA VAL A 76 -1.34 -26.33 -4.91
C VAL A 76 -2.45 -25.32 -4.71
N GLY A 77 -3.56 -25.76 -4.12
CA GLY A 77 -4.68 -24.88 -3.85
C GLY A 77 -5.19 -23.97 -4.97
N HIS A 78 -5.22 -22.67 -4.68
CA HIS A 78 -5.70 -21.74 -5.69
C HIS A 78 -4.77 -21.61 -6.89
N HIS A 79 -3.50 -21.98 -6.73
CA HIS A 79 -2.57 -21.92 -7.85
C HIS A 79 -2.91 -23.04 -8.85
N LYS A 80 -3.32 -24.18 -8.31
CA LYS A 80 -3.67 -25.27 -9.16
C LYS A 80 -4.96 -24.97 -9.91
N ARG A 81 -5.97 -24.49 -9.19
CA ARG A 81 -7.25 -24.19 -9.83
C ARG A 81 -7.11 -23.20 -10.99
N ARG A 82 -6.22 -22.23 -10.82
CA ARG A 82 -6.01 -21.26 -11.88
C ARG A 82 -5.53 -21.93 -13.18
N LEU A 83 -4.54 -22.81 -13.03
CA LEU A 83 -3.99 -23.52 -14.16
C LEU A 83 -4.99 -24.48 -14.81
N GLU A 84 -5.82 -25.14 -14.00
CA GLU A 84 -6.81 -26.06 -14.54
C GLU A 84 -7.72 -25.29 -15.50
N THR A 85 -8.09 -24.07 -15.10
CA THR A 85 -8.95 -23.20 -15.89
C THR A 85 -8.25 -22.79 -17.18
N LEU A 86 -7.04 -22.30 -17.10
CA LEU A 86 -6.37 -21.93 -18.35
C LEU A 86 -6.29 -23.19 -19.22
N PHE A 87 -5.82 -24.30 -18.67
CA PHE A 87 -5.70 -25.56 -19.44
C PHE A 87 -7.03 -25.93 -20.08
N GLN A 88 -8.06 -26.08 -19.25
CA GLN A 88 -9.38 -26.43 -19.72
C GLN A 88 -9.79 -25.61 -20.94
N GLY A 89 -9.39 -24.35 -21.02
CA GLY A 89 -9.79 -23.53 -22.15
C GLY A 89 -8.74 -23.27 -23.22
N GLY A 90 -7.62 -23.97 -23.13
CA GLY A 90 -6.57 -23.75 -24.11
C GLY A 90 -6.16 -22.30 -24.16
N ILE A 91 -6.28 -21.62 -23.04
CA ILE A 91 -5.97 -20.20 -22.93
C ILE A 91 -4.47 -19.90 -22.75
N ASN A 92 -3.94 -19.01 -23.58
CA ASN A 92 -2.54 -18.62 -23.48
C ASN A 92 -2.53 -17.43 -22.51
N LEU A 93 -1.56 -17.41 -21.58
CA LEU A 93 -1.45 -16.32 -20.62
C LEU A 93 -0.18 -15.56 -20.92
N TYR A 94 -0.33 -14.29 -21.29
CA TYR A 94 0.79 -13.41 -21.63
C TYR A 94 0.79 -12.24 -20.61
N ALA A 95 1.88 -12.10 -19.88
CA ALA A 95 1.96 -11.04 -18.88
C ALA A 95 2.94 -9.94 -19.28
N ALA A 96 2.54 -8.69 -19.06
CA ALA A 96 3.37 -7.52 -19.39
C ALA A 96 3.28 -6.53 -18.23
N HIS A 97 4.34 -6.47 -17.42
CA HIS A 97 4.39 -5.60 -16.25
C HIS A 97 4.97 -4.19 -16.50
N LEU A 98 6.23 -4.01 -16.13
CA LEU A 98 6.87 -2.71 -16.32
C LEU A 98 6.83 -2.22 -17.77
N PRO A 99 7.14 -3.11 -18.73
CA PRO A 99 7.12 -2.71 -20.14
C PRO A 99 5.79 -2.20 -20.66
N LEU A 100 4.69 -2.67 -20.08
CA LEU A 100 3.37 -2.21 -20.50
C LEU A 100 3.13 -0.91 -19.78
N ASP A 101 3.75 -0.75 -18.62
CA ASP A 101 3.62 0.47 -17.84
C ASP A 101 4.27 1.63 -18.62
N ALA A 102 5.50 1.41 -19.06
CA ALA A 102 6.29 2.40 -19.77
C ALA A 102 6.03 2.67 -21.24
N HIS A 103 5.63 1.65 -21.98
CA HIS A 103 5.41 1.83 -23.42
C HIS A 103 4.80 3.18 -23.79
N GLU A 104 5.46 3.88 -24.73
CA GLU A 104 5.02 5.20 -25.21
C GLU A 104 3.77 5.20 -26.11
N GLU A 105 3.48 4.07 -26.75
CA GLU A 105 2.31 3.97 -27.63
C GLU A 105 1.05 3.44 -26.94
N VAL A 106 1.18 2.32 -26.23
CA VAL A 106 0.05 1.71 -25.52
C VAL A 106 0.26 1.60 -24.00
N GLY A 107 1.37 2.14 -23.52
CA GLY A 107 1.68 2.08 -22.09
C GLY A 107 0.60 2.71 -21.24
N ASN A 108 0.42 2.18 -20.03
CA ASN A 108 -0.58 2.68 -19.09
C ASN A 108 -0.52 4.20 -19.00
N ASN A 109 0.66 4.68 -18.67
CA ASN A 109 0.87 6.09 -18.48
C ASN A 109 0.73 7.00 -19.68
N PHE A 110 1.50 6.76 -20.74
CA PHE A 110 1.36 7.62 -21.92
C PHE A 110 -0.11 7.66 -22.36
N VAL A 111 -0.74 6.50 -22.46
CA VAL A 111 -2.12 6.46 -22.87
C VAL A 111 -3.01 7.30 -21.96
N LEU A 112 -2.92 7.09 -20.65
CA LEU A 112 -3.73 7.86 -19.72
C LEU A 112 -3.47 9.37 -19.83
N ALA A 113 -2.22 9.75 -20.00
CA ALA A 113 -1.85 11.16 -20.12
C ALA A 113 -2.71 11.81 -21.21
N ARG A 114 -2.58 11.26 -22.42
CA ARG A 114 -3.33 11.77 -23.55
C ARG A 114 -4.82 11.87 -23.22
N GLU A 115 -5.42 10.79 -22.72
CA GLU A 115 -6.84 10.84 -22.40
C GLU A 115 -7.12 11.82 -21.30
N LEU A 116 -6.11 12.58 -20.91
CA LEU A 116 -6.28 13.55 -19.84
C LEU A 116 -6.09 14.96 -20.38
N GLY A 117 -5.09 15.13 -21.23
CA GLY A 117 -4.84 16.43 -21.82
C GLY A 117 -3.37 16.67 -22.00
N LEU A 118 -2.57 16.24 -21.04
CA LEU A 118 -1.12 16.44 -21.09
C LEU A 118 -0.55 16.52 -22.50
N VAL A 119 0.37 17.46 -22.69
CA VAL A 119 1.03 17.66 -23.97
C VAL A 119 2.50 17.78 -23.66
N ASP A 120 3.33 17.84 -24.69
CA ASP A 120 4.78 17.94 -24.50
C ASP A 120 5.28 16.74 -23.72
N LEU A 121 4.63 15.58 -23.96
CA LEU A 121 4.98 14.34 -23.26
C LEU A 121 6.45 13.90 -23.38
N THR A 122 6.97 13.34 -22.29
CA THR A 122 8.34 12.85 -22.23
C THR A 122 8.43 11.86 -21.08
N PRO A 123 9.09 10.72 -21.29
CA PRO A 123 9.20 9.72 -20.22
C PRO A 123 9.84 10.21 -18.90
N TRP A 124 9.35 9.62 -17.80
CA TRP A 124 9.81 9.93 -16.45
C TRP A 124 9.79 8.62 -15.66
N ASP A 125 10.97 8.11 -15.35
CA ASP A 125 11.12 6.85 -14.64
C ASP A 125 10.47 5.74 -15.46
N VAL A 126 10.63 4.50 -15.01
CA VAL A 126 10.02 3.38 -15.72
C VAL A 126 8.54 3.64 -15.67
N GLY A 127 7.78 2.73 -16.27
CA GLY A 127 6.36 2.87 -16.29
C GLY A 127 5.82 4.19 -16.83
N VAL A 128 6.52 5.30 -16.64
CA VAL A 128 5.96 6.54 -17.14
C VAL A 128 6.74 7.56 -17.90
N LYS A 129 6.10 8.71 -18.02
CA LYS A 129 6.61 9.86 -18.71
C LYS A 129 6.40 11.08 -17.84
N GLY A 130 5.19 11.21 -17.29
CA GLY A 130 4.89 12.36 -16.47
C GLY A 130 5.50 13.68 -16.99
N ARG A 131 5.22 14.70 -16.17
CA ARG A 131 5.60 16.09 -16.42
C ARG A 131 5.38 16.62 -17.86
N PHE A 132 4.43 17.56 -17.96
CA PHE A 132 4.04 18.23 -19.21
C PHE A 132 2.72 19.00 -19.03
N PRO A 133 2.74 20.32 -19.31
CA PRO A 133 1.66 21.32 -19.24
C PRO A 133 0.24 20.99 -19.66
N GLN A 134 -0.57 22.06 -19.70
CA GLN A 134 -1.97 21.98 -20.08
C GLN A 134 -2.38 23.05 -21.10
N PRO A 135 -2.15 24.35 -20.79
CA PRO A 135 -1.55 24.93 -19.58
C PRO A 135 -2.48 25.64 -18.56
N THR A 136 -2.05 25.61 -17.31
CA THR A 136 -2.72 26.25 -16.16
C THR A 136 -4.16 25.94 -15.77
N PRO A 137 -4.49 24.67 -15.47
CA PRO A 137 -5.88 24.40 -15.08
C PRO A 137 -5.94 24.16 -13.58
N LEU A 138 -7.12 24.38 -13.00
CA LEU A 138 -7.31 24.18 -11.57
C LEU A 138 -6.99 22.74 -11.19
N LEU A 139 -7.24 22.36 -9.94
CA LEU A 139 -6.95 21.00 -9.53
C LEU A 139 -8.16 20.10 -9.78
N GLN A 140 -9.06 20.54 -10.64
CA GLN A 140 -10.22 19.72 -10.96
C GLN A 140 -9.95 18.83 -12.15
N VAL A 141 -8.70 18.39 -12.19
CA VAL A 141 -8.23 17.46 -13.18
C VAL A 141 -8.65 16.19 -12.44
N ALA A 142 -9.09 16.40 -11.20
CA ALA A 142 -9.56 15.33 -10.32
C ALA A 142 -10.92 14.89 -10.83
N ASP A 143 -11.54 15.74 -11.63
CA ASP A 143 -12.83 15.41 -12.19
C ASP A 143 -12.69 14.66 -13.51
N ARG A 144 -11.75 15.07 -14.35
CA ARG A 144 -11.56 14.36 -15.60
C ARG A 144 -11.26 12.91 -15.21
N LEU A 145 -10.37 12.76 -14.23
CA LEU A 145 -10.00 11.45 -13.73
C LEU A 145 -11.26 10.68 -13.36
N GLY A 146 -12.04 11.24 -12.46
CA GLY A 146 -13.27 10.61 -12.02
C GLY A 146 -14.22 10.17 -13.12
N GLN A 147 -14.37 10.99 -14.16
CA GLN A 147 -15.29 10.61 -15.22
C GLN A 147 -14.59 9.69 -16.21
N LEU A 148 -13.26 9.72 -16.18
CA LEU A 148 -12.46 8.88 -17.06
C LEU A 148 -12.17 7.58 -16.30
N THR A 149 -12.84 7.40 -15.16
CA THR A 149 -12.62 6.24 -14.30
C THR A 149 -13.89 5.74 -13.64
N GLY A 150 -14.91 6.60 -13.59
CA GLY A 150 -16.17 6.24 -12.98
C GLY A 150 -16.10 6.36 -11.47
N MET A 151 -14.94 6.77 -10.98
CA MET A 151 -14.75 6.90 -9.53
C MET A 151 -14.00 8.18 -9.14
N GLN A 152 -14.55 8.92 -8.16
CA GLN A 152 -13.92 10.15 -7.69
C GLN A 152 -12.61 9.80 -7.00
N PRO A 153 -11.48 10.38 -7.48
CA PRO A 153 -10.17 10.11 -6.89
C PRO A 153 -9.91 10.80 -5.56
N LEU A 154 -8.84 10.36 -4.90
CA LEU A 154 -8.43 10.93 -3.62
C LEU A 154 -7.40 11.97 -4.01
N VAL A 155 -7.54 13.16 -3.44
CA VAL A 155 -6.61 14.22 -3.75
C VAL A 155 -6.01 14.78 -2.48
N HIS A 156 -4.70 14.93 -2.49
CA HIS A 156 -3.94 15.48 -1.37
C HIS A 156 -3.26 16.75 -1.89
N GLN A 157 -3.83 17.89 -1.55
CA GLN A 157 -3.28 19.15 -2.01
C GLN A 157 -2.38 19.78 -0.96
N GLY A 158 -1.08 19.75 -1.23
CA GLY A 158 -0.15 20.33 -0.28
C GLY A 158 0.40 21.60 -0.90
N GLY A 159 0.39 21.61 -2.23
CA GLY A 159 0.87 22.74 -3.00
C GLY A 159 -0.26 23.55 -3.61
N LEU A 160 0.02 24.07 -4.80
CA LEU A 160 -0.91 24.90 -5.57
C LEU A 160 -2.39 24.53 -5.53
N ASP A 161 -3.17 25.30 -6.27
CA ASP A 161 -4.60 25.07 -6.38
C ASP A 161 -4.82 24.87 -7.88
N HIS A 162 -3.80 25.29 -8.64
CA HIS A 162 -3.77 25.20 -10.07
C HIS A 162 -2.44 24.55 -10.42
N VAL A 163 -2.50 23.56 -11.30
CA VAL A 163 -1.30 22.85 -11.68
C VAL A 163 -1.01 23.06 -13.16
N GLU A 164 0.25 22.87 -13.54
CA GLU A 164 0.66 22.99 -14.92
C GLU A 164 1.46 21.75 -15.27
N THR A 165 2.59 21.51 -14.59
CA THR A 165 3.40 20.33 -14.85
C THR A 165 2.81 19.13 -14.10
N VAL A 166 2.63 18.02 -14.82
CA VAL A 166 2.06 16.84 -14.22
C VAL A 166 2.87 15.58 -14.49
N ILE A 167 3.19 14.81 -13.44
CA ILE A 167 3.91 13.54 -13.61
C ILE A 167 2.93 12.40 -13.35
N LEU A 168 2.83 11.46 -14.28
CA LEU A 168 1.92 10.31 -14.13
C LEU A 168 2.75 9.04 -13.85
N VAL A 169 2.24 8.12 -13.04
CA VAL A 169 2.88 6.83 -12.72
C VAL A 169 1.80 5.96 -12.09
N SER A 170 1.17 5.13 -12.90
CA SER A 170 0.08 4.27 -12.45
C SER A 170 0.48 3.16 -11.48
N GLY A 171 -0.50 2.66 -10.76
CA GLY A 171 -0.26 1.59 -9.79
C GLY A 171 0.23 2.15 -8.47
N SER A 172 1.38 1.65 -8.02
CA SER A 172 1.98 2.07 -6.76
C SER A 172 3.20 2.94 -7.02
N GLY A 173 2.97 4.22 -7.25
CA GLY A 173 4.10 5.10 -7.52
C GLY A 173 4.63 5.87 -6.33
N THR A 174 3.94 5.81 -5.20
CA THR A 174 4.39 6.54 -4.01
C THR A 174 5.88 6.40 -3.74
N GLY A 175 6.43 5.22 -3.96
CA GLY A 175 7.86 5.04 -3.73
C GLY A 175 8.66 6.12 -4.44
N LEU A 176 8.12 6.63 -5.55
CA LEU A 176 8.77 7.67 -6.35
C LEU A 176 8.53 9.11 -5.86
N LEU A 177 7.75 9.27 -4.79
CA LEU A 177 7.44 10.60 -4.26
C LEU A 177 8.62 11.57 -4.14
N PRO A 178 9.71 11.15 -3.50
CA PRO A 178 10.91 11.97 -3.30
C PRO A 178 11.53 12.61 -4.53
N LYS A 179 11.28 12.03 -5.71
CA LYS A 179 11.84 12.57 -6.94
C LYS A 179 10.84 13.42 -7.72
N VAL A 180 9.57 13.35 -7.34
CA VAL A 180 8.52 14.12 -8.00
C VAL A 180 8.88 15.58 -8.01
N ASP A 181 8.90 16.18 -9.19
CA ASP A 181 9.24 17.60 -9.30
C ASP A 181 8.26 18.35 -10.22
N ALA A 182 6.97 18.02 -10.11
CA ALA A 182 5.94 18.66 -10.93
C ALA A 182 4.92 19.31 -10.00
N ASP A 183 3.99 20.08 -10.58
CA ASP A 183 2.95 20.73 -9.79
C ASP A 183 1.95 19.72 -9.29
N LEU A 184 1.89 18.60 -9.99
CA LEU A 184 0.97 17.52 -9.66
C LEU A 184 1.60 16.18 -9.97
N PHE A 185 1.19 15.18 -9.20
CA PHE A 185 1.65 13.81 -9.35
C PHE A 185 0.41 12.94 -9.37
N VAL A 186 0.32 12.09 -10.39
CA VAL A 186 -0.81 11.20 -10.55
C VAL A 186 -0.36 9.76 -10.40
N THR A 187 -1.03 9.01 -9.54
CA THR A 187 -0.70 7.61 -9.37
C THR A 187 -1.97 6.89 -8.93
N GLY A 188 -1.88 5.59 -8.65
CA GLY A 188 -3.09 4.90 -8.24
C GLY A 188 -3.31 4.63 -6.77
N GLU A 189 -2.35 3.98 -6.11
CA GLU A 189 -2.52 3.60 -4.72
C GLU A 189 -1.83 4.49 -3.70
N PRO A 190 -2.58 4.95 -2.69
CA PRO A 190 -2.10 5.80 -1.61
C PRO A 190 -1.47 5.00 -0.46
N LYS A 191 -0.37 5.50 0.09
CA LYS A 191 0.29 4.84 1.21
C LYS A 191 0.34 5.74 2.44
N HIS A 192 -0.04 5.21 3.59
CA HIS A 192 0.01 5.98 4.81
C HIS A 192 1.41 6.57 5.02
N SER A 193 2.44 5.76 4.81
CA SER A 193 3.81 6.23 5.02
C SER A 193 4.27 7.47 4.21
N VAL A 194 3.48 7.94 3.25
CA VAL A 194 3.92 9.12 2.49
C VAL A 194 3.02 10.32 2.72
N PHE A 195 2.05 10.16 3.62
CA PHE A 195 1.14 11.26 3.93
C PHE A 195 1.86 12.56 4.30
N HIS A 196 2.49 12.61 5.47
CA HIS A 196 3.15 13.83 5.92
C HIS A 196 4.18 14.39 4.97
N GLU A 197 4.94 13.53 4.32
CA GLU A 197 5.94 14.02 3.40
C GLU A 197 5.25 14.80 2.25
N THR A 198 4.17 14.23 1.72
CA THR A 198 3.41 14.88 0.66
C THR A 198 3.01 16.34 0.98
N PHE A 199 2.49 16.60 2.17
CA PHE A 199 2.11 17.96 2.49
C PHE A 199 3.29 18.85 2.84
N GLU A 200 4.17 18.37 3.71
CA GLU A 200 5.33 19.13 4.12
C GLU A 200 6.14 19.59 2.94
N ARG A 201 6.12 18.84 1.86
CA ARG A 201 6.87 19.21 0.69
C ARG A 201 5.99 19.94 -0.35
N GLY A 202 4.80 20.35 0.07
CA GLY A 202 3.88 21.05 -0.82
C GLY A 202 3.62 20.37 -2.14
N LEU A 203 3.38 19.07 -2.11
CA LEU A 203 3.12 18.30 -3.31
C LEU A 203 1.61 18.13 -3.51
N ASN A 204 1.20 18.10 -4.77
CA ASN A 204 -0.20 17.88 -5.10
C ASN A 204 -0.15 16.44 -5.56
N VAL A 205 -1.03 15.61 -5.01
CA VAL A 205 -1.05 14.22 -5.41
C VAL A 205 -2.48 13.73 -5.55
N ILE A 206 -2.76 13.02 -6.64
CA ILE A 206 -4.09 12.48 -6.87
C ILE A 206 -3.97 10.95 -6.98
N TYR A 207 -4.71 10.24 -6.14
CA TYR A 207 -4.71 8.76 -6.15
C TYR A 207 -5.99 8.30 -6.84
N ALA A 208 -5.86 7.75 -8.04
CA ALA A 208 -7.03 7.32 -8.81
C ALA A 208 -7.33 5.82 -8.83
N GLY A 209 -6.69 5.06 -7.95
CA GLY A 209 -6.91 3.63 -7.88
C GLY A 209 -5.84 2.81 -8.58
N HIS A 210 -5.41 1.71 -7.99
CA HIS A 210 -4.39 0.88 -8.61
C HIS A 210 -5.03 0.18 -9.82
N TYR A 211 -6.24 -0.35 -9.63
CA TYR A 211 -6.95 -1.01 -10.71
C TYR A 211 -7.35 -0.04 -11.81
N ASP A 212 -8.05 1.01 -11.42
CA ASP A 212 -8.54 2.00 -12.36
C ASP A 212 -7.50 2.72 -13.20
N THR A 213 -6.24 2.72 -12.77
CA THR A 213 -5.22 3.40 -13.56
C THR A 213 -4.43 2.42 -14.42
N GLU A 214 -4.35 1.14 -14.03
CA GLU A 214 -3.60 0.18 -14.82
C GLU A 214 -4.54 -0.63 -15.75
N THR A 215 -5.66 0.01 -16.10
CA THR A 215 -6.71 -0.51 -16.98
C THR A 215 -6.41 -0.11 -18.44
N PHE A 216 -5.72 1.00 -18.60
CA PHE A 216 -5.39 1.58 -19.90
C PHE A 216 -4.39 0.87 -20.80
N GLY A 217 -3.41 0.18 -20.24
CA GLY A 217 -2.44 -0.49 -21.08
C GLY A 217 -3.01 -1.70 -21.83
N VAL A 218 -3.49 -2.68 -21.06
CA VAL A 218 -4.06 -3.90 -21.64
C VAL A 218 -5.05 -3.52 -22.73
N LYS A 219 -5.95 -2.59 -22.45
CA LYS A 219 -6.91 -2.20 -23.48
C LYS A 219 -6.21 -1.69 -24.74
N ALA A 220 -5.31 -0.73 -24.59
CA ALA A 220 -4.61 -0.21 -25.76
C ALA A 220 -3.96 -1.38 -26.49
N LEU A 221 -3.13 -2.14 -25.79
CA LEU A 221 -2.45 -3.31 -26.39
C LEU A 221 -3.39 -4.17 -27.22
N ALA A 222 -4.52 -4.58 -26.65
CA ALA A 222 -5.46 -5.43 -27.40
C ALA A 222 -5.98 -4.74 -28.65
N ALA A 223 -6.28 -3.44 -28.55
CA ALA A 223 -6.78 -2.65 -29.68
C ALA A 223 -5.73 -2.53 -30.77
N HIS A 224 -4.48 -2.49 -30.34
CA HIS A 224 -3.36 -2.40 -31.27
C HIS A 224 -3.30 -3.68 -32.08
N LEU A 225 -3.37 -4.82 -31.39
CA LEU A 225 -3.32 -6.10 -32.09
C LEU A 225 -4.49 -6.30 -33.04
N GLU A 226 -5.63 -5.66 -32.77
CA GLU A 226 -6.78 -5.82 -33.67
C GLU A 226 -6.62 -4.95 -34.90
N ALA A 227 -5.83 -3.89 -34.76
CA ALA A 227 -5.60 -2.97 -35.84
C ALA A 227 -4.58 -3.55 -36.79
N ARG A 228 -3.63 -4.29 -36.24
CA ARG A 228 -2.58 -4.85 -37.06
C ARG A 228 -2.74 -6.32 -37.46
N PHE A 229 -3.65 -7.04 -36.80
CA PHE A 229 -3.85 -8.45 -37.12
C PHE A 229 -5.30 -8.84 -37.20
N GLY A 230 -6.19 -7.88 -37.00
CA GLY A 230 -7.60 -8.18 -37.08
C GLY A 230 -8.12 -9.14 -36.02
N LEU A 231 -7.32 -9.36 -34.97
CA LEU A 231 -7.79 -10.24 -33.89
C LEU A 231 -8.86 -9.49 -33.09
N PRO A 232 -10.01 -10.12 -32.87
CA PRO A 232 -11.03 -9.43 -32.09
C PRO A 232 -10.63 -9.55 -30.62
N TRP A 233 -11.15 -8.67 -29.76
CA TRP A 233 -10.80 -8.77 -28.35
C TRP A 233 -11.93 -8.34 -27.44
N VAL A 234 -11.83 -8.75 -26.19
CA VAL A 234 -12.82 -8.41 -25.17
C VAL A 234 -12.09 -8.01 -23.88
N PHE A 235 -12.68 -7.10 -23.12
CA PHE A 235 -12.06 -6.68 -21.86
C PHE A 235 -12.75 -7.41 -20.72
N LEU A 236 -11.94 -8.09 -19.91
CA LEU A 236 -12.42 -8.86 -18.77
C LEU A 236 -12.27 -7.96 -17.55
N ASP A 237 -13.40 -7.53 -17.00
CA ASP A 237 -13.47 -6.60 -15.87
C ASP A 237 -13.59 -7.23 -14.48
N HIS A 238 -12.67 -6.86 -13.58
CA HIS A 238 -12.67 -7.37 -12.20
C HIS A 238 -12.27 -6.24 -11.24
N PRO A 239 -13.11 -5.23 -11.08
CA PRO A 239 -12.74 -4.15 -10.17
C PRO A 239 -12.50 -4.59 -8.72
N THR A 240 -11.40 -4.12 -8.14
CA THR A 240 -11.06 -4.49 -6.77
C THR A 240 -11.39 -3.42 -5.72
N GLY A 241 -11.49 -2.18 -6.17
CA GLY A 241 -11.81 -1.11 -5.23
C GLY A 241 -10.55 -0.55 -4.61
N LEU A 242 -9.40 -0.86 -5.18
CA LEU A 242 -8.11 -0.40 -4.68
C LEU A 242 -7.22 0.04 -5.85
N MET B 1 12.04 11.21 35.07
CA MET B 1 12.24 12.65 34.76
C MET B 1 13.59 12.91 34.12
N ASP B 2 14.62 12.20 34.57
CA ASP B 2 15.93 12.35 33.95
C ASP B 2 15.80 11.69 32.59
N ARG B 3 16.20 12.40 31.56
CA ARG B 3 16.09 11.89 30.19
C ARG B 3 16.86 10.63 29.84
N ASP B 4 18.08 10.49 30.35
CA ASP B 4 18.86 9.30 30.02
C ASP B 4 18.35 8.08 30.80
N GLU B 5 17.74 8.33 31.96
CA GLU B 5 17.14 7.31 32.78
C GLU B 5 15.90 6.78 32.05
N LEU B 6 15.06 7.68 31.57
CA LEU B 6 13.85 7.28 30.85
C LEU B 6 14.19 6.51 29.58
N VAL B 7 15.31 6.82 28.94
CA VAL B 7 15.67 6.12 27.72
C VAL B 7 16.20 4.71 27.97
N ARG B 8 16.95 4.51 29.05
CA ARG B 8 17.47 3.19 29.36
C ARG B 8 16.28 2.30 29.74
N TYR B 9 15.28 2.88 30.40
CA TYR B 9 14.11 2.11 30.78
C TYR B 9 13.40 1.58 29.55
N LEU B 10 12.99 2.51 28.69
CA LEU B 10 12.29 2.18 27.46
C LEU B 10 13.03 1.15 26.61
N ASP B 11 14.33 1.32 26.44
CA ASP B 11 15.09 0.38 25.62
C ASP B 11 15.00 -1.04 26.21
N ALA B 12 15.21 -1.15 27.51
CA ALA B 12 15.13 -2.44 28.18
C ALA B 12 13.69 -3.00 28.08
N TYR B 13 12.75 -2.23 28.61
CA TYR B 13 11.34 -2.59 28.62
C TYR B 13 10.78 -2.99 27.24
N LEU B 14 11.14 -2.24 26.21
CA LEU B 14 10.69 -2.54 24.87
C LEU B 14 11.52 -3.67 24.24
N ARG B 15 12.60 -4.04 24.90
CA ARG B 15 13.47 -5.10 24.40
C ARG B 15 14.03 -4.76 23.03
N ILE B 16 14.33 -3.48 22.85
CA ILE B 16 14.90 -2.96 21.62
C ILE B 16 15.93 -3.89 20.98
N GLN B 17 16.73 -4.56 21.79
CA GLN B 17 17.76 -5.46 21.28
C GLN B 17 17.25 -6.69 20.51
N ASP B 18 16.13 -7.25 20.96
CA ASP B 18 15.56 -8.43 20.33
C ASP B 18 15.06 -8.17 18.93
N PHE B 19 15.20 -6.94 18.43
CA PHE B 19 14.72 -6.63 17.09
C PHE B 19 15.78 -6.12 16.12
N PRO B 20 17.00 -6.67 16.19
CA PRO B 20 18.04 -6.21 15.27
C PRO B 20 17.63 -6.72 13.90
N GLN B 21 17.21 -5.81 13.04
CA GLN B 21 16.77 -6.14 11.70
C GLN B 21 15.82 -5.01 11.35
N ASP B 22 15.11 -4.52 12.37
CA ASP B 22 14.17 -3.43 12.20
C ASP B 22 14.93 -2.31 11.47
N PRO B 23 14.43 -1.90 10.28
CA PRO B 23 15.11 -0.84 9.53
C PRO B 23 15.00 0.50 10.28
N SER B 24 13.99 0.62 11.15
CA SER B 24 13.78 1.82 11.94
C SER B 24 14.84 1.89 13.01
N LEU B 25 15.40 3.09 13.22
CA LEU B 25 16.42 3.25 14.24
C LEU B 25 15.63 3.43 15.54
N ASN B 26 15.50 2.35 16.30
CA ASN B 26 14.75 2.38 17.54
C ASN B 26 15.49 3.01 18.72
N GLY B 27 14.77 3.80 19.50
CA GLY B 27 15.36 4.48 20.64
C GLY B 27 15.35 5.99 20.49
N LEU B 28 16.26 6.67 21.17
CA LEU B 28 16.33 8.13 21.08
C LEU B 28 16.86 8.45 19.68
N GLN B 29 16.05 9.14 18.88
CA GLN B 29 16.44 9.51 17.54
C GLN B 29 16.91 10.96 17.52
N VAL B 30 16.37 11.79 18.40
CA VAL B 30 16.80 13.17 18.49
C VAL B 30 16.80 13.56 19.97
N GLU B 31 17.98 13.92 20.45
CA GLU B 31 18.15 14.32 21.82
C GLU B 31 17.55 15.70 22.08
N GLY B 32 16.90 15.83 23.24
CA GLY B 32 16.26 17.08 23.64
C GLY B 32 16.69 17.42 25.05
N LYS B 33 15.86 18.12 25.81
CA LYS B 33 16.25 18.51 27.16
C LYS B 33 16.49 17.33 28.11
N ARG B 34 17.24 17.59 29.17
CA ARG B 34 17.59 16.57 30.13
C ARG B 34 16.52 16.30 31.17
N THR B 35 15.74 17.30 31.53
CA THR B 35 14.69 17.12 32.52
C THR B 35 13.32 17.05 31.89
N VAL B 36 12.80 15.82 31.80
CA VAL B 36 11.50 15.51 31.21
C VAL B 36 10.36 15.66 32.20
N ARG B 37 9.37 16.48 31.84
CA ARG B 37 8.23 16.76 32.71
C ARG B 37 6.88 16.31 32.12
N LYS B 38 6.78 16.28 30.79
CA LYS B 38 5.54 15.88 30.13
C LYS B 38 5.86 15.03 28.89
N VAL B 39 5.24 13.87 28.80
CA VAL B 39 5.46 12.96 27.67
C VAL B 39 4.45 13.19 26.54
N GLY B 40 4.84 12.86 25.31
CA GLY B 40 3.95 13.01 24.18
C GLY B 40 3.87 11.70 23.42
N ALA B 41 2.70 11.36 22.87
CA ALA B 41 2.48 10.13 22.13
C ALA B 41 1.85 10.37 20.76
N ALA B 42 2.42 9.75 19.73
CA ALA B 42 1.90 9.93 18.39
C ALA B 42 2.31 8.79 17.47
N VAL B 43 1.47 8.53 16.48
CA VAL B 43 1.75 7.50 15.51
C VAL B 43 2.91 7.87 14.59
N ASP B 44 2.88 9.07 14.02
CA ASP B 44 3.94 9.51 13.10
C ASP B 44 4.83 10.70 13.48
N ALA B 45 6.08 10.62 13.08
CA ALA B 45 6.98 11.74 13.29
C ALA B 45 6.74 12.61 12.07
N GLY B 46 6.49 13.90 12.27
CA GLY B 46 6.24 14.81 11.17
C GLY B 46 6.17 16.23 11.69
N GLU B 47 6.29 17.21 10.80
CA GLU B 47 6.26 18.59 11.24
C GLU B 47 4.98 18.94 11.98
N ALA B 48 3.83 18.48 11.47
CA ALA B 48 2.54 18.76 12.10
C ALA B 48 2.47 18.22 13.51
N ILE B 49 3.00 17.03 13.72
CA ILE B 49 2.97 16.45 15.05
C ILE B 49 4.02 17.13 15.96
N PHE B 50 5.14 17.55 15.39
CA PHE B 50 6.18 18.21 16.17
C PHE B 50 5.73 19.60 16.67
N ARG B 51 5.06 20.35 15.80
CA ARG B 51 4.55 21.65 16.18
C ARG B 51 3.55 21.44 17.31
N LYS B 52 2.65 20.46 17.16
CA LYS B 52 1.70 20.18 18.23
C LYS B 52 2.42 19.85 19.54
N ALA B 53 3.51 19.11 19.45
CA ALA B 53 4.24 18.73 20.65
C ALA B 53 4.81 20.01 21.27
N LEU B 54 5.26 20.91 20.41
CA LEU B 54 5.82 22.16 20.85
C LEU B 54 4.76 22.99 21.57
N GLU B 55 3.60 23.19 20.93
CA GLU B 55 2.53 23.96 21.53
C GLU B 55 2.06 23.45 22.87
N GLU B 56 2.23 22.16 23.12
CA GLU B 56 1.77 21.59 24.37
C GLU B 56 2.85 21.25 25.36
N GLU B 57 3.99 21.91 25.20
CA GLU B 57 5.11 21.73 26.08
C GLU B 57 5.52 20.28 26.28
N VAL B 58 5.51 19.49 25.20
CA VAL B 58 5.90 18.09 25.30
C VAL B 58 7.43 17.97 25.37
N ASP B 59 7.95 17.30 26.40
CA ASP B 59 9.41 17.15 26.57
C ASP B 59 10.05 15.91 25.98
N PHE B 60 9.23 14.88 25.82
CA PHE B 60 9.68 13.58 25.34
C PHE B 60 8.59 13.04 24.42
N LEU B 61 8.85 13.04 23.12
CA LEU B 61 7.86 12.56 22.17
C LEU B 61 8.12 11.12 21.71
N ILE B 62 7.20 10.23 22.05
CA ILE B 62 7.26 8.83 21.66
C ILE B 62 6.46 8.66 20.38
N VAL B 63 7.09 8.08 19.38
CA VAL B 63 6.51 7.93 18.07
C VAL B 63 6.65 6.48 17.55
N HIS B 64 5.72 6.02 16.71
CA HIS B 64 5.80 4.67 16.16
C HIS B 64 6.64 4.67 14.87
N HIS B 65 6.43 5.65 14.01
CA HIS B 65 7.21 5.76 12.78
C HIS B 65 8.15 6.95 12.95
N GLY B 66 9.45 6.69 13.16
CA GLY B 66 10.41 7.76 13.36
C GLY B 66 10.95 8.43 12.11
N LEU B 67 12.11 9.07 12.22
CA LEU B 67 12.69 9.75 11.07
C LEU B 67 13.74 8.92 10.33
N PHE B 68 14.32 7.94 11.00
CA PHE B 68 15.39 7.16 10.39
C PHE B 68 15.06 5.74 9.95
N TRP B 69 15.44 5.42 8.73
CA TRP B 69 15.22 4.10 8.17
C TRP B 69 16.48 3.60 7.47
N GLY B 70 17.58 3.60 8.21
CA GLY B 70 18.85 3.13 7.70
C GLY B 70 19.26 3.57 6.30
N LYS B 71 18.85 4.77 5.89
CA LYS B 71 19.19 5.27 4.57
C LYS B 71 19.34 6.80 4.69
N PRO B 72 20.45 7.28 5.32
CA PRO B 72 20.69 8.73 5.50
C PRO B 72 20.42 9.66 4.31
N PHE B 73 19.69 10.72 4.63
CA PHE B 73 19.26 11.77 3.71
C PHE B 73 19.83 13.08 4.23
N PRO B 74 19.98 14.07 3.37
CA PRO B 74 20.51 15.37 3.78
C PRO B 74 19.50 16.22 4.53
N ILE B 75 19.99 17.03 5.47
CA ILE B 75 19.13 17.90 6.25
C ILE B 75 18.78 19.12 5.43
N VAL B 76 17.68 19.03 4.69
CA VAL B 76 17.23 20.12 3.84
C VAL B 76 15.72 20.08 3.82
N GLY B 77 15.12 21.12 3.26
CA GLY B 77 13.68 21.21 3.16
C GLY B 77 12.94 20.84 4.42
N HIS B 78 11.94 20.00 4.26
CA HIS B 78 11.15 19.59 5.40
C HIS B 78 11.98 18.87 6.47
N HIS B 79 13.04 18.20 6.03
CA HIS B 79 13.89 17.49 6.99
C HIS B 79 14.52 18.41 8.01
N LYS B 80 15.07 19.53 7.56
CA LYS B 80 15.68 20.52 8.47
C LYS B 80 14.62 21.20 9.34
N ARG B 81 13.49 21.58 8.73
CA ARG B 81 12.45 22.22 9.50
C ARG B 81 12.02 21.32 10.64
N ARG B 82 12.05 20.02 10.40
CA ARG B 82 11.63 19.05 11.41
C ARG B 82 12.53 19.06 12.64
N LEU B 83 13.83 19.10 12.40
CA LEU B 83 14.78 19.10 13.49
C LEU B 83 14.78 20.45 14.20
N GLU B 84 14.61 21.54 13.46
CA GLU B 84 14.58 22.86 14.08
C GLU B 84 13.44 22.95 15.08
N THR B 85 12.30 22.40 14.73
CA THR B 85 11.16 22.44 15.62
C THR B 85 11.46 21.65 16.87
N LEU B 86 12.06 20.47 16.71
CA LEU B 86 12.39 19.66 17.86
C LEU B 86 13.41 20.41 18.73
N PHE B 87 14.40 21.05 18.09
CA PHE B 87 15.42 21.79 18.83
C PHE B 87 14.80 22.99 19.55
N GLN B 88 13.86 23.64 18.89
CA GLN B 88 13.21 24.80 19.46
C GLN B 88 12.60 24.45 20.79
N GLY B 89 11.80 23.40 20.82
CA GLY B 89 11.13 23.00 22.03
C GLY B 89 11.94 22.08 22.90
N GLY B 90 13.21 21.88 22.56
CA GLY B 90 14.04 20.97 23.34
C GLY B 90 13.34 19.63 23.52
N ILE B 91 12.74 19.14 22.45
CA ILE B 91 12.00 17.88 22.47
C ILE B 91 12.85 16.63 22.14
N ASN B 92 12.72 15.60 22.99
CA ASN B 92 13.42 14.32 22.76
C ASN B 92 12.52 13.48 21.82
N LEU B 93 13.07 12.91 20.75
CA LEU B 93 12.26 12.07 19.88
C LEU B 93 12.66 10.60 20.12
N TYR B 94 11.73 9.80 20.64
CA TYR B 94 12.03 8.39 20.92
C TYR B 94 11.14 7.62 19.99
N ALA B 95 11.75 6.74 19.18
CA ALA B 95 11.01 5.97 18.21
C ALA B 95 11.06 4.47 18.47
N ALA B 96 9.90 3.82 18.39
CA ALA B 96 9.84 2.37 18.60
C ALA B 96 8.99 1.76 17.48
N HIS B 97 9.58 0.98 16.60
CA HIS B 97 8.82 0.39 15.51
C HIS B 97 8.36 -1.04 15.85
N LEU B 98 9.10 -2.04 15.39
CA LEU B 98 8.72 -3.44 15.66
C LEU B 98 8.60 -3.73 17.16
N PRO B 99 9.51 -3.19 17.98
CA PRO B 99 9.40 -3.46 19.42
C PRO B 99 8.00 -3.10 19.96
N LEU B 100 7.40 -2.04 19.39
CA LEU B 100 6.09 -1.61 19.86
C LEU B 100 4.95 -2.31 19.15
N ASP B 101 5.22 -2.85 17.97
CA ASP B 101 4.18 -3.61 17.27
C ASP B 101 3.97 -4.86 18.14
N ALA B 102 5.09 -5.46 18.53
CA ALA B 102 5.13 -6.71 19.27
C ALA B 102 5.01 -6.75 20.78
N HIS B 103 5.20 -5.64 21.47
CA HIS B 103 5.14 -5.73 22.93
C HIS B 103 3.87 -6.37 23.45
N GLU B 104 4.01 -7.28 24.41
CA GLU B 104 2.89 -8.01 24.97
C GLU B 104 2.03 -7.23 25.94
N GLU B 105 2.60 -6.21 26.58
CA GLU B 105 1.82 -5.41 27.52
C GLU B 105 1.31 -4.11 26.91
N VAL B 106 2.09 -3.47 26.06
CA VAL B 106 1.67 -2.19 25.48
C VAL B 106 1.77 -2.13 23.97
N GLY B 107 2.17 -3.23 23.35
CA GLY B 107 2.29 -3.25 21.91
C GLY B 107 0.97 -3.07 21.19
N ASN B 108 1.03 -2.62 19.94
CA ASN B 108 -0.17 -2.41 19.12
C ASN B 108 -1.12 -3.60 19.02
N ASN B 109 -0.57 -4.76 18.70
CA ASN B 109 -1.33 -5.96 18.48
C ASN B 109 -1.94 -6.59 19.72
N PHE B 110 -1.16 -6.81 20.76
CA PHE B 110 -1.72 -7.36 21.97
C PHE B 110 -2.79 -6.45 22.58
N VAL B 111 -2.56 -5.14 22.52
CA VAL B 111 -3.53 -4.21 23.10
C VAL B 111 -4.84 -4.20 22.32
N LEU B 112 -4.75 -4.02 21.00
CA LEU B 112 -5.96 -4.01 20.19
C LEU B 112 -6.71 -5.35 20.34
N ALA B 113 -5.99 -6.46 20.20
CA ALA B 113 -6.58 -7.78 20.29
C ALA B 113 -7.36 -7.96 21.59
N ARG B 114 -6.80 -7.47 22.68
CA ARG B 114 -7.46 -7.59 23.97
C ARG B 114 -8.73 -6.77 24.01
N GLU B 115 -8.68 -5.53 23.51
CA GLU B 115 -9.86 -4.66 23.49
C GLU B 115 -10.88 -5.20 22.51
N LEU B 116 -10.41 -6.00 21.56
CA LEU B 116 -11.29 -6.60 20.56
C LEU B 116 -11.99 -7.84 21.07
N GLY B 117 -11.64 -8.29 22.28
CA GLY B 117 -12.26 -9.46 22.87
C GLY B 117 -11.61 -10.80 22.61
N LEU B 118 -10.49 -10.82 21.90
CA LEU B 118 -9.80 -12.08 21.61
C LEU B 118 -9.16 -12.67 22.85
N VAL B 119 -9.00 -13.97 22.87
CA VAL B 119 -8.42 -14.61 24.04
C VAL B 119 -7.38 -15.67 23.60
N ASP B 120 -6.67 -16.24 24.57
CA ASP B 120 -5.61 -17.22 24.31
C ASP B 120 -4.57 -16.62 23.35
N LEU B 121 -4.25 -15.33 23.52
CA LEU B 121 -3.29 -14.65 22.64
C LEU B 121 -1.84 -15.18 22.69
N THR B 122 -1.23 -15.31 21.53
CA THR B 122 0.15 -15.78 21.44
C THR B 122 0.83 -15.04 20.30
N PRO B 123 2.14 -14.80 20.41
CA PRO B 123 2.85 -14.09 19.35
C PRO B 123 2.66 -14.74 18.00
N TRP B 124 2.54 -13.93 16.96
CA TRP B 124 2.42 -14.39 15.59
C TRP B 124 3.15 -13.31 14.79
N ASP B 125 4.37 -13.63 14.38
CA ASP B 125 5.23 -12.69 13.67
C ASP B 125 5.31 -11.51 14.65
N VAL B 126 5.15 -10.27 14.18
CA VAL B 126 5.16 -9.11 15.08
C VAL B 126 3.76 -8.79 15.61
N GLY B 127 2.77 -9.56 15.17
CA GLY B 127 1.40 -9.38 15.61
C GLY B 127 1.00 -10.43 16.65
N VAL B 128 -0.25 -10.87 16.63
CA VAL B 128 -0.68 -11.85 17.61
C VAL B 128 -1.75 -12.81 17.07
N LYS B 129 -1.84 -13.99 17.66
CA LYS B 129 -2.86 -14.95 17.25
C LYS B 129 -3.65 -15.44 18.47
N GLY B 130 -4.97 -15.39 18.36
CA GLY B 130 -5.84 -15.83 19.43
C GLY B 130 -7.20 -16.25 18.92
N ARG B 131 -8.23 -16.16 19.75
CA ARG B 131 -9.54 -16.57 19.30
C ARG B 131 -10.62 -15.92 20.12
N PHE B 132 -11.86 -16.01 19.62
CA PHE B 132 -13.01 -15.51 20.36
C PHE B 132 -13.48 -16.73 21.16
N PRO B 133 -14.04 -16.53 22.34
CA PRO B 133 -14.48 -17.69 23.13
C PRO B 133 -15.53 -18.56 22.42
N GLN B 134 -16.22 -17.97 21.44
CA GLN B 134 -17.26 -18.67 20.67
C GLN B 134 -17.38 -18.09 19.26
N PRO B 135 -17.84 -18.89 18.29
CA PRO B 135 -17.99 -18.40 16.91
C PRO B 135 -18.66 -17.03 16.93
N THR B 136 -18.03 -16.04 16.30
CA THR B 136 -18.52 -14.67 16.29
C THR B 136 -18.81 -14.13 14.88
N PRO B 137 -20.00 -13.56 14.66
CA PRO B 137 -20.25 -13.05 13.31
C PRO B 137 -19.27 -11.99 12.86
N LEU B 138 -18.77 -12.17 11.65
CA LEU B 138 -17.80 -11.28 11.04
C LEU B 138 -18.20 -9.80 11.04
N LEU B 139 -19.49 -9.51 10.87
CA LEU B 139 -19.94 -8.12 10.86
C LEU B 139 -19.92 -7.53 12.28
N GLN B 140 -20.10 -8.38 13.27
CA GLN B 140 -20.06 -7.95 14.65
C GLN B 140 -18.64 -7.58 15.05
N VAL B 141 -17.66 -8.26 14.43
CA VAL B 141 -16.25 -7.98 14.68
C VAL B 141 -15.93 -6.68 13.97
N ALA B 142 -16.46 -6.53 12.75
CA ALA B 142 -16.23 -5.33 11.96
C ALA B 142 -16.75 -4.12 12.73
N ASP B 143 -17.87 -4.30 13.42
CA ASP B 143 -18.48 -3.24 14.19
C ASP B 143 -17.63 -2.86 15.41
N ARG B 144 -17.20 -3.85 16.19
CA ARG B 144 -16.37 -3.58 17.36
C ARG B 144 -15.18 -2.71 16.91
N LEU B 145 -14.56 -3.13 15.81
CA LEU B 145 -13.43 -2.41 15.23
C LEU B 145 -13.83 -0.97 14.95
N GLY B 146 -15.00 -0.81 14.33
CA GLY B 146 -15.51 0.50 14.00
C GLY B 146 -15.70 1.37 15.23
N GLN B 147 -16.18 0.79 16.31
CA GLN B 147 -16.37 1.56 17.52
C GLN B 147 -15.02 1.94 18.09
N LEU B 148 -14.08 1.00 18.06
CA LEU B 148 -12.76 1.28 18.60
C LEU B 148 -11.97 2.39 17.91
N THR B 149 -12.18 2.57 16.60
CA THR B 149 -11.43 3.59 15.85
C THR B 149 -12.27 4.74 15.33
N GLY B 150 -13.58 4.62 15.41
CA GLY B 150 -14.45 5.68 14.91
C GLY B 150 -14.69 5.61 13.43
N MET B 151 -14.18 4.56 12.79
CA MET B 151 -14.33 4.40 11.34
C MET B 151 -14.71 2.96 10.95
N GLN B 152 -15.71 2.80 10.09
CA GLN B 152 -16.12 1.46 9.63
C GLN B 152 -15.04 0.86 8.79
N PRO B 153 -14.55 -0.33 9.16
CA PRO B 153 -13.49 -1.02 8.42
C PRO B 153 -13.88 -1.64 7.07
N LEU B 154 -12.88 -1.85 6.21
CA LEU B 154 -13.15 -2.47 4.89
C LEU B 154 -13.16 -3.99 5.12
N VAL B 155 -14.22 -4.66 4.69
CA VAL B 155 -14.33 -6.10 4.91
C VAL B 155 -14.24 -6.93 3.64
N HIS B 156 -13.24 -7.80 3.55
CA HIS B 156 -13.08 -8.69 2.40
C HIS B 156 -13.46 -10.07 2.93
N GLN B 157 -14.70 -10.46 2.72
CA GLN B 157 -15.17 -11.75 3.20
C GLN B 157 -14.98 -12.88 2.17
N GLY B 158 -13.88 -13.62 2.28
CA GLY B 158 -13.65 -14.70 1.34
C GLY B 158 -14.12 -16.00 1.94
N GLY B 159 -14.48 -15.98 3.22
CA GLY B 159 -14.91 -17.19 3.89
C GLY B 159 -16.29 -17.13 4.53
N LEU B 160 -16.45 -17.86 5.62
CA LEU B 160 -17.74 -17.91 6.30
C LEU B 160 -18.09 -16.61 7.01
N ASP B 161 -19.38 -16.46 7.31
CA ASP B 161 -19.94 -15.28 7.96
C ASP B 161 -19.63 -15.28 9.46
N HIS B 162 -19.09 -16.38 9.95
CA HIS B 162 -18.72 -16.53 11.35
C HIS B 162 -17.25 -16.89 11.44
N VAL B 163 -16.57 -16.40 12.47
CA VAL B 163 -15.16 -16.67 12.62
C VAL B 163 -14.80 -16.91 14.08
N GLU B 164 -13.70 -17.62 14.33
CA GLU B 164 -13.29 -17.76 15.71
C GLU B 164 -11.79 -17.63 15.96
N THR B 165 -10.94 -18.17 15.08
CA THR B 165 -9.50 -17.97 15.29
C THR B 165 -9.16 -16.70 14.51
N VAL B 166 -8.31 -15.84 15.10
CA VAL B 166 -7.93 -14.57 14.46
C VAL B 166 -6.43 -14.22 14.53
N ILE B 167 -5.94 -13.61 13.47
CA ILE B 167 -4.57 -13.16 13.39
C ILE B 167 -4.68 -11.64 13.28
N LEU B 168 -3.94 -10.93 14.13
CA LEU B 168 -3.98 -9.49 14.12
C LEU B 168 -2.57 -8.93 13.95
N VAL B 169 -2.38 -8.19 12.87
CA VAL B 169 -1.11 -7.55 12.57
C VAL B 169 -1.40 -6.14 12.07
N SER B 170 -1.32 -5.16 12.98
CA SER B 170 -1.58 -3.75 12.64
C SER B 170 -0.65 -3.18 11.56
N GLY B 171 -1.01 -2.02 11.02
CA GLY B 171 -0.20 -1.39 10.00
C GLY B 171 -0.41 -1.96 8.61
N SER B 172 0.66 -2.07 7.85
CA SER B 172 0.57 -2.61 6.50
C SER B 172 0.98 -4.06 6.65
N GLY B 173 0.05 -4.93 7.01
CA GLY B 173 0.41 -6.32 7.20
C GLY B 173 0.14 -7.30 6.09
N THR B 174 -0.35 -6.83 4.94
CA THR B 174 -0.65 -7.74 3.84
C THR B 174 0.48 -8.65 3.38
N GLY B 175 1.70 -8.35 3.78
CA GLY B 175 2.83 -9.18 3.39
C GLY B 175 2.76 -10.58 3.97
N LEU B 176 2.16 -10.71 5.15
CA LEU B 176 2.02 -12.00 5.82
C LEU B 176 0.84 -12.82 5.34
N LEU B 177 0.10 -12.29 4.38
CA LEU B 177 -1.09 -12.99 3.89
C LEU B 177 -0.88 -14.46 3.58
N PRO B 178 0.18 -14.81 2.83
CA PRO B 178 0.40 -16.21 2.51
C PRO B 178 0.55 -17.12 3.74
N LYS B 179 1.09 -16.58 4.84
CA LYS B 179 1.25 -17.38 6.05
C LYS B 179 -0.01 -17.45 6.92
N VAL B 180 -1.02 -16.62 6.62
CA VAL B 180 -2.25 -16.62 7.42
C VAL B 180 -2.99 -17.94 7.40
N ASP B 181 -3.40 -18.40 8.57
CA ASP B 181 -4.10 -19.66 8.70
C ASP B 181 -5.14 -19.60 9.81
N ALA B 182 -5.97 -18.57 9.80
CA ALA B 182 -7.00 -18.42 10.81
C ALA B 182 -8.30 -18.02 10.13
N ASP B 183 -9.41 -18.11 10.85
CA ASP B 183 -10.70 -17.75 10.28
C ASP B 183 -10.72 -16.30 9.82
N LEU B 184 -9.95 -15.45 10.52
CA LEU B 184 -9.92 -14.00 10.21
C LEU B 184 -8.55 -13.36 10.39
N PHE B 185 -8.30 -12.31 9.61
CA PHE B 185 -7.04 -11.60 9.65
C PHE B 185 -7.35 -10.11 9.64
N VAL B 186 -6.98 -9.42 10.71
CA VAL B 186 -7.24 -8.00 10.83
C VAL B 186 -5.97 -7.20 10.65
N THR B 187 -5.95 -6.28 9.70
CA THR B 187 -4.77 -5.47 9.50
C THR B 187 -5.13 -4.01 9.18
N GLY B 188 -4.13 -3.18 8.90
CA GLY B 188 -4.40 -1.79 8.64
C GLY B 188 -4.74 -1.44 7.21
N GLU B 189 -3.72 -1.25 6.38
CA GLU B 189 -3.89 -0.90 4.99
C GLU B 189 -4.09 -2.09 4.05
N PRO B 190 -5.05 -1.98 3.12
CA PRO B 190 -5.32 -3.05 2.16
C PRO B 190 -4.37 -2.87 0.97
N LYS B 191 -4.22 -3.91 0.16
CA LYS B 191 -3.36 -3.80 -1.02
C LYS B 191 -4.05 -4.46 -2.19
N HIS B 192 -4.17 -3.71 -3.28
CA HIS B 192 -4.81 -4.19 -4.49
C HIS B 192 -4.26 -5.56 -4.87
N SER B 193 -2.94 -5.68 -4.82
CA SER B 193 -2.23 -6.90 -5.20
C SER B 193 -2.50 -8.19 -4.43
N VAL B 194 -3.17 -8.14 -3.27
CA VAL B 194 -3.46 -9.37 -2.53
C VAL B 194 -4.97 -9.63 -2.52
N PHE B 195 -5.70 -8.79 -3.27
CA PHE B 195 -7.14 -8.90 -3.38
C PHE B 195 -7.61 -10.30 -3.84
N HIS B 196 -7.22 -10.72 -5.04
CA HIS B 196 -7.63 -12.01 -5.55
C HIS B 196 -7.19 -13.19 -4.68
N GLU B 197 -5.98 -13.13 -4.17
CA GLU B 197 -5.51 -14.21 -3.32
C GLU B 197 -6.39 -14.30 -2.07
N THR B 198 -6.86 -13.18 -1.57
CA THR B 198 -7.70 -13.18 -0.37
C THR B 198 -8.94 -14.05 -0.55
N PHE B 199 -9.65 -13.80 -1.65
CA PHE B 199 -10.87 -14.53 -1.95
C PHE B 199 -10.68 -15.93 -2.49
N GLU B 200 -9.64 -16.13 -3.30
CA GLU B 200 -9.41 -17.45 -3.87
C GLU B 200 -9.05 -18.44 -2.78
N ARG B 201 -8.36 -17.98 -1.73
CA ARG B 201 -7.99 -18.84 -0.60
C ARG B 201 -9.14 -18.92 0.42
N GLY B 202 -10.19 -18.14 0.23
CA GLY B 202 -11.30 -18.15 1.17
C GLY B 202 -10.98 -17.47 2.50
N LEU B 203 -10.08 -16.50 2.52
CA LEU B 203 -9.73 -15.80 3.74
C LEU B 203 -10.65 -14.63 4.11
N ASN B 204 -10.91 -14.46 5.40
CA ASN B 204 -11.69 -13.32 5.85
C ASN B 204 -10.70 -12.26 6.34
N VAL B 205 -10.70 -11.09 5.72
CA VAL B 205 -9.78 -10.04 6.13
C VAL B 205 -10.49 -8.73 6.39
N ILE B 206 -10.13 -8.06 7.48
CA ILE B 206 -10.69 -6.75 7.79
C ILE B 206 -9.57 -5.70 7.88
N TYR B 207 -9.65 -4.66 7.07
CA TYR B 207 -8.62 -3.61 7.06
C TYR B 207 -9.16 -2.41 7.84
N ALA B 208 -8.54 -2.07 8.95
CA ALA B 208 -9.03 -0.94 9.75
C ALA B 208 -8.21 0.37 9.70
N GLY B 209 -7.37 0.53 8.69
CA GLY B 209 -6.56 1.73 8.57
C GLY B 209 -5.18 1.58 9.20
N HIS B 210 -4.15 2.01 8.49
CA HIS B 210 -2.82 1.91 9.02
C HIS B 210 -2.78 2.80 10.26
N TYR B 211 -3.10 4.07 10.08
CA TYR B 211 -3.12 4.98 11.21
C TYR B 211 -4.04 4.54 12.37
N ASP B 212 -5.26 4.11 12.05
CA ASP B 212 -6.16 3.74 13.14
C ASP B 212 -5.80 2.49 13.95
N THR B 213 -5.02 1.58 13.36
CA THR B 213 -4.64 0.38 14.10
C THR B 213 -3.33 0.59 14.85
N GLU B 214 -2.57 1.62 14.48
CA GLU B 214 -1.29 1.87 15.14
C GLU B 214 -1.31 3.03 16.17
N THR B 215 -2.46 3.28 16.80
CA THR B 215 -2.55 4.33 17.83
C THR B 215 -2.55 3.72 19.24
N PHE B 216 -2.83 2.43 19.29
CA PHE B 216 -2.93 1.78 20.57
C PHE B 216 -1.62 1.66 21.33
N GLY B 217 -0.57 1.20 20.65
CA GLY B 217 0.71 1.00 21.31
C GLY B 217 1.30 2.25 21.92
N VAL B 218 1.39 3.28 21.09
CA VAL B 218 1.94 4.54 21.53
C VAL B 218 1.18 5.03 22.78
N LYS B 219 -0.15 4.92 22.76
CA LYS B 219 -0.98 5.33 23.89
C LYS B 219 -0.76 4.47 25.12
N ALA B 220 -0.75 3.16 24.93
CA ALA B 220 -0.56 2.24 26.05
C ALA B 220 0.79 2.49 26.73
N LEU B 221 1.81 2.80 25.94
CA LEU B 221 3.14 3.05 26.45
C LEU B 221 3.24 4.38 27.23
N ALA B 222 2.58 5.43 26.77
CA ALA B 222 2.63 6.67 27.53
C ALA B 222 1.90 6.40 28.85
N ALA B 223 0.68 5.87 28.75
CA ALA B 223 -0.11 5.53 29.92
C ALA B 223 0.73 4.70 30.89
N HIS B 224 1.55 3.81 30.34
CA HIS B 224 2.37 3.00 31.20
C HIS B 224 3.44 3.82 31.91
N LEU B 225 3.97 4.83 31.24
CA LEU B 225 5.00 5.64 31.83
C LEU B 225 4.40 6.47 32.95
N GLU B 226 3.16 6.91 32.75
CA GLU B 226 2.48 7.69 33.77
C GLU B 226 2.26 6.85 35.03
N ALA B 227 1.93 5.58 34.84
CA ALA B 227 1.70 4.70 35.96
C ALA B 227 3.00 4.39 36.65
N ARG B 228 4.06 4.32 35.86
CA ARG B 228 5.37 3.99 36.42
C ARG B 228 6.19 5.14 36.99
N PHE B 229 6.11 6.32 36.38
CA PHE B 229 6.91 7.45 36.84
C PHE B 229 6.10 8.72 37.06
N GLY B 230 4.78 8.63 36.98
CA GLY B 230 3.96 9.81 37.22
C GLY B 230 3.99 10.86 36.14
N LEU B 231 4.63 10.58 35.00
CA LEU B 231 4.70 11.56 33.91
C LEU B 231 3.37 11.82 33.21
N PRO B 232 2.96 13.08 33.15
CA PRO B 232 1.68 13.32 32.46
C PRO B 232 1.98 13.18 30.97
N TRP B 233 0.95 12.95 30.16
CA TRP B 233 1.15 12.83 28.73
C TRP B 233 -0.07 13.26 27.96
N VAL B 234 0.12 13.46 26.68
CA VAL B 234 -0.95 13.87 25.81
C VAL B 234 -0.85 13.01 24.55
N PHE B 235 -1.94 12.95 23.79
CA PHE B 235 -1.91 12.20 22.55
C PHE B 235 -1.97 13.26 21.46
N LEU B 236 -0.98 13.26 20.58
CA LEU B 236 -0.96 14.25 19.52
C LEU B 236 -1.55 13.61 18.28
N ASP B 237 -2.85 13.71 18.17
CA ASP B 237 -3.60 13.15 17.08
C ASP B 237 -3.48 13.90 15.76
N HIS B 238 -3.30 13.15 14.69
CA HIS B 238 -3.25 13.73 13.35
C HIS B 238 -3.64 12.63 12.39
N PRO B 239 -4.91 12.25 12.40
CA PRO B 239 -5.44 11.19 11.53
C PRO B 239 -5.08 11.40 10.08
N THR B 240 -4.62 10.33 9.46
CA THR B 240 -4.17 10.33 8.08
C THR B 240 -5.23 9.88 7.06
N GLY B 241 -6.23 9.17 7.56
CA GLY B 241 -7.30 8.68 6.70
C GLY B 241 -6.87 7.42 5.95
N LEU B 242 -5.68 6.90 6.28
CA LEU B 242 -5.13 5.72 5.63
C LEU B 242 -4.65 4.68 6.65
#